data_8OZW
#
_entry.id   8OZW
#
_cell.length_a   89.390
_cell.length_b   89.390
_cell.length_c   136.880
_cell.angle_alpha   90.00
_cell.angle_beta   90.00
_cell.angle_gamma   120.00
#
_symmetry.space_group_name_H-M   'P 31 2 1'
#
loop_
_entity.id
_entity.type
_entity.pdbx_description
1 polymer Oxidoreductase
2 non-polymer '1,4,5,6-TETRAHYDRONICOTINAMIDE ADENINE DINUCLEOTIDE PHOSPHATE'
3 non-polymer 1,2-ETHANEDIOL
4 water water
#
_entity_poly.entity_id   1
_entity_poly.type   'polypeptide(L)'
_entity_poly.pdbx_seq_one_letter_code
;MANSPVSVFGLGAMGTALATQFLRKGHKTTVWNRTPAKAQPLIAIGASHAPTIDSAAAASSLLIICQLDKASVMQTLQQA
PTAWAAKTIVDLTNGTPAHARETADWALAHGARYIHGGIMAVPFMIGQPDAMILYSGPAEVFEGVKDTLSVLGTNTYVGE
DVGLASLHDLALLSGMYGLFSGFTHAVALVQSANIPAAGFVATQLIPWLTAMTQHLNLLATQVDEKDYGDGGSSLDMQAK
AAPNILEASQAQGVSVELIQPIFKLIERRVEEGKGSEGLAALVGMIMK
;
_entity_poly.pdbx_strand_id   A,B
#
# COMPACT_ATOMS: atom_id res chain seq x y z
N ALA A 2 23.89 29.66 19.54
CA ALA A 2 24.32 29.22 20.88
C ALA A 2 23.20 28.41 21.54
N ASN A 3 22.57 27.55 20.74
CA ASN A 3 21.46 26.72 21.28
C ASN A 3 22.03 25.48 21.97
N SER A 4 21.22 24.84 22.82
CA SER A 4 21.60 23.62 23.58
C SER A 4 22.49 22.67 22.79
N PRO A 5 23.71 22.37 23.28
CA PRO A 5 24.59 21.41 22.62
C PRO A 5 24.01 19.99 22.47
N VAL A 6 24.30 19.33 21.34
CA VAL A 6 23.89 17.96 21.11
C VAL A 6 25.07 17.21 20.50
N SER A 7 25.12 15.90 20.74
CA SER A 7 26.07 15.01 20.09
C SER A 7 25.32 13.95 19.28
N VAL A 8 25.85 13.61 18.08
CA VAL A 8 25.25 12.60 17.21
C VAL A 8 26.30 11.52 16.94
N PHE A 9 25.93 10.27 17.22
CA PHE A 9 26.77 9.10 17.00
C PHE A 9 26.20 8.34 15.82
N GLY A 10 26.95 8.28 14.70
CA GLY A 10 26.54 7.59 13.49
C GLY A 10 26.11 8.59 12.43
N LEU A 11 26.87 8.62 11.32
CA LEU A 11 26.71 9.61 10.25
C LEU A 11 26.50 8.90 8.91
N GLY A 12 25.68 7.84 8.94
CA GLY A 12 25.15 7.27 7.70
C GLY A 12 24.18 8.26 7.06
N ALA A 13 23.34 7.81 6.13
CA ALA A 13 22.33 8.67 5.52
C ALA A 13 21.44 9.37 6.57
N MET A 14 20.93 8.64 7.57
CA MET A 14 19.94 9.21 8.48
C MET A 14 20.63 10.11 9.51
N GLY A 15 21.74 9.63 10.09
CA GLY A 15 22.48 10.39 11.09
C GLY A 15 23.01 11.72 10.51
N THR A 16 23.41 11.70 9.22
CA THR A 16 23.81 12.94 8.52
C THR A 16 22.66 13.95 8.51
N ALA A 17 21.45 13.49 8.17
CA ALA A 17 20.28 14.35 8.14
C ALA A 17 19.92 14.91 9.52
N LEU A 18 20.00 14.08 10.57
CA LEU A 18 19.76 14.55 11.94
C LEU A 18 20.74 15.65 12.33
N ALA A 19 22.04 15.40 12.18
CA ALA A 19 23.05 16.40 12.51
C ALA A 19 22.84 17.69 11.71
N THR A 20 22.53 17.56 10.41
CA THR A 20 22.32 18.72 9.55
C THR A 20 21.21 19.61 10.11
N GLN A 21 20.11 18.99 10.56
CA GLN A 21 18.97 19.75 11.04
C GLN A 21 19.28 20.49 12.33
N PHE A 22 20.08 19.88 13.25
CA PHE A 22 20.46 20.55 14.47
C PHE A 22 21.30 21.80 14.17
N LEU A 23 22.23 21.67 13.22
CA LEU A 23 23.06 22.79 12.80
C LEU A 23 22.22 23.90 12.17
N ARG A 24 21.29 23.52 11.28
CA ARG A 24 20.41 24.49 10.62
C ARG A 24 19.60 25.30 11.64
N LYS A 25 19.26 24.68 12.78
CA LYS A 25 18.41 25.34 13.80
C LYS A 25 19.28 26.03 14.87
N GLY A 26 20.61 26.07 14.72
CA GLY A 26 21.45 26.87 15.63
C GLY A 26 22.05 26.15 16.82
N HIS A 27 22.09 24.82 16.82
CA HIS A 27 22.62 24.06 17.97
C HIS A 27 24.09 23.71 17.80
N LYS A 28 24.88 23.84 18.87
CA LYS A 28 26.30 23.38 18.82
C LYS A 28 26.24 21.87 18.64
N THR A 29 26.76 21.35 17.54
CA THR A 29 26.58 19.95 17.21
C THR A 29 27.94 19.27 17.12
N THR A 30 28.17 18.27 17.99
CA THR A 30 29.37 17.45 17.96
C THR A 30 29.01 16.11 17.31
N VAL A 31 29.87 15.56 16.44
CA VAL A 31 29.54 14.37 15.65
C VAL A 31 30.67 13.36 15.79
N TRP A 32 30.30 12.06 15.66
CA TRP A 32 31.24 10.95 15.70
C TRP A 32 30.77 9.88 14.75
N ASN A 33 31.70 9.19 14.08
CA ASN A 33 31.36 8.02 13.26
C ASN A 33 32.51 7.01 13.30
N ARG A 34 32.20 5.70 13.23
CA ARG A 34 33.23 4.65 13.22
C ARG A 34 34.22 4.94 12.10
N THR A 35 33.72 5.22 10.87
CA THR A 35 34.58 5.56 9.74
C THR A 35 34.69 7.08 9.66
N PRO A 36 35.81 7.69 10.12
CA PRO A 36 35.84 9.15 10.34
C PRO A 36 35.60 10.06 9.13
N ALA A 37 35.89 9.61 7.91
CA ALA A 37 35.72 10.43 6.72
C ALA A 37 34.29 10.98 6.57
N LYS A 38 33.27 10.24 7.01
CA LYS A 38 31.88 10.70 6.90
C LYS A 38 31.59 11.96 7.72
N ALA A 39 32.53 12.42 8.56
CA ALA A 39 32.32 13.67 9.29
C ALA A 39 32.54 14.92 8.45
N GLN A 40 33.28 14.82 7.34
CA GLN A 40 33.76 16.00 6.63
C GLN A 40 32.61 16.85 6.07
N PRO A 41 31.54 16.28 5.43
CA PRO A 41 30.41 17.11 4.99
C PRO A 41 29.72 17.87 6.12
N LEU A 42 29.82 17.37 7.37
CA LEU A 42 29.22 18.05 8.50
C LEU A 42 30.17 19.07 9.11
N ILE A 43 31.48 18.81 9.13
CA ILE A 43 32.40 19.88 9.51
C ILE A 43 32.18 21.08 8.58
N ALA A 44 31.92 20.84 7.29
CA ALA A 44 31.77 21.91 6.30
C ALA A 44 30.59 22.82 6.63
N ILE A 45 29.58 22.35 7.39
CA ILE A 45 28.43 23.20 7.73
C ILE A 45 28.40 23.53 9.23
N GLY A 46 29.52 23.35 9.94
CA GLY A 46 29.68 23.94 11.26
C GLY A 46 29.87 22.93 12.41
N ALA A 47 29.86 21.63 12.14
CA ALA A 47 29.94 20.64 13.22
C ALA A 47 31.34 20.59 13.82
N SER A 48 31.46 20.24 15.12
CA SER A 48 32.71 19.78 15.70
C SER A 48 32.87 18.27 15.52
N HIS A 49 34.03 17.85 15.06
CA HIS A 49 34.32 16.44 14.92
C HIS A 49 35.00 15.96 16.20
N ALA A 50 34.35 15.07 16.96
CA ALA A 50 35.00 14.46 18.13
C ALA A 50 35.97 13.38 17.66
N PRO A 51 37.24 13.36 18.14
CA PRO A 51 38.17 12.29 17.79
C PRO A 51 37.89 10.94 18.46
N THR A 52 37.16 10.95 19.57
CA THR A 52 36.83 9.71 20.26
C THR A 52 35.36 9.67 20.69
N ILE A 53 34.90 8.46 21.04
CA ILE A 53 33.61 8.24 21.68
C ILE A 53 33.53 9.04 22.98
N ASP A 54 34.61 9.00 23.77
CA ASP A 54 34.69 9.71 25.05
C ASP A 54 34.45 11.20 24.88
N SER A 55 35.15 11.80 23.91
CA SER A 55 35.07 13.25 23.73
C SER A 55 33.69 13.66 23.21
N ALA A 56 33.04 12.84 22.36
CA ALA A 56 31.69 13.13 21.88
C ALA A 56 30.69 13.10 23.04
N ALA A 57 30.82 12.12 23.93
CA ALA A 57 29.97 12.02 25.11
C ALA A 57 30.17 13.19 26.08
N ALA A 58 31.41 13.68 26.20
CA ALA A 58 31.69 14.77 27.14
C ALA A 58 31.21 16.13 26.61
N ALA A 59 30.96 16.29 25.31
CA ALA A 59 30.64 17.62 24.75
C ALA A 59 29.22 18.07 25.04
N SER A 60 28.29 17.15 25.39
CA SER A 60 26.88 17.51 25.48
C SER A 60 26.22 16.73 26.60
N SER A 61 25.02 17.14 27.00
CA SER A 61 24.26 16.29 27.90
C SER A 61 23.23 15.44 27.17
N LEU A 62 22.87 15.78 25.91
CA LEU A 62 21.89 15.04 25.11
C LEU A 62 22.65 14.34 23.97
N LEU A 63 22.63 12.99 24.02
CA LEU A 63 23.47 12.14 23.18
C LEU A 63 22.58 11.24 22.32
N ILE A 64 22.62 11.44 20.99
CA ILE A 64 21.76 10.74 20.07
C ILE A 64 22.57 9.67 19.36
N ILE A 65 22.08 8.43 19.34
CA ILE A 65 22.77 7.36 18.62
C ILE A 65 21.90 6.86 17.47
N CYS A 66 22.42 6.91 16.25
CA CYS A 66 21.67 6.37 15.07
C CYS A 66 22.64 5.56 14.21
N GLN A 67 22.95 4.33 14.64
CA GLN A 67 23.95 3.51 13.90
C GLN A 67 23.23 2.50 13.00
N LEU A 68 23.33 1.20 13.30
CA LEU A 68 22.73 0.18 12.39
C LEU A 68 21.77 -0.71 13.17
N ASP A 69 22.29 -1.46 14.15
CA ASP A 69 21.45 -2.35 14.95
C ASP A 69 21.91 -2.32 16.42
N LYS A 70 21.21 -3.04 17.29
CA LYS A 70 21.50 -3.02 18.72
C LYS A 70 22.94 -3.48 19.00
N ALA A 71 23.41 -4.50 18.27
CA ALA A 71 24.79 -4.94 18.41
C ALA A 71 25.76 -3.78 18.24
N SER A 72 25.51 -2.90 17.25
CA SER A 72 26.41 -1.78 16.98
C SER A 72 26.38 -0.78 18.14
N VAL A 73 25.19 -0.56 18.71
CA VAL A 73 25.03 0.38 19.80
C VAL A 73 25.83 -0.11 21.02
N MET A 74 25.70 -1.39 21.35
CA MET A 74 26.44 -2.00 22.46
C MET A 74 27.96 -1.89 22.22
N GLN A 75 28.43 -2.06 20.97
CA GLN A 75 29.84 -1.94 20.68
C GLN A 75 30.36 -0.52 20.95
N THR A 76 29.54 0.49 20.66
CA THR A 76 29.87 1.87 20.98
C THR A 76 29.86 2.13 22.49
N LEU A 77 28.78 1.75 23.19
CA LEU A 77 28.66 1.97 24.64
C LEU A 77 29.84 1.33 25.39
N GLN A 78 30.17 0.07 25.10
CA GLN A 78 31.15 -0.69 25.87
C GLN A 78 32.59 -0.22 25.64
N GLN A 79 32.85 0.64 24.66
CA GLN A 79 34.19 1.15 24.43
C GLN A 79 34.54 2.28 25.40
N ALA A 80 33.54 2.94 26.02
CA ALA A 80 33.83 4.03 26.94
C ALA A 80 32.82 3.99 28.10
N PRO A 81 32.88 2.93 28.94
CA PRO A 81 31.86 2.69 29.97
C PRO A 81 31.62 3.75 31.05
N THR A 82 32.63 4.61 31.31
CA THR A 82 32.49 5.68 32.29
C THR A 82 31.94 6.95 31.65
N ALA A 83 31.88 7.03 30.31
CA ALA A 83 31.55 8.27 29.63
C ALA A 83 30.07 8.64 29.74
N TRP A 84 29.15 7.72 30.10
CA TRP A 84 27.72 7.95 29.93
C TRP A 84 27.01 8.49 31.19
N ALA A 85 27.70 8.59 32.33
CA ALA A 85 27.08 8.93 33.61
C ALA A 85 26.44 10.33 33.57
N ALA A 86 25.19 10.42 34.03
CA ALA A 86 24.44 11.65 34.17
C ALA A 86 24.02 12.25 32.82
N LYS A 87 24.24 11.51 31.72
CA LYS A 87 23.80 11.98 30.40
C LYS A 87 22.40 11.44 30.09
N THR A 88 21.72 12.09 29.13
CA THR A 88 20.54 11.50 28.50
C THR A 88 20.90 10.89 27.14
N ILE A 89 20.82 9.56 27.02
CA ILE A 89 20.98 8.84 25.74
C ILE A 89 19.63 8.74 25.05
N VAL A 90 19.54 9.22 23.80
CA VAL A 90 18.37 8.99 22.97
C VAL A 90 18.78 8.08 21.80
N ASP A 91 18.29 6.83 21.82
CA ASP A 91 18.74 5.79 20.90
C ASP A 91 17.69 5.65 19.79
N LEU A 92 18.05 6.02 18.55
CA LEU A 92 17.12 5.96 17.41
C LEU A 92 17.51 4.82 16.46
N THR A 93 18.23 3.81 16.96
CA THR A 93 18.74 2.72 16.14
C THR A 93 17.69 1.61 16.07
N ASN A 94 17.35 1.15 14.86
CA ASN A 94 16.31 0.16 14.64
C ASN A 94 16.56 -1.10 15.47
N GLY A 95 15.52 -1.63 16.13
CA GLY A 95 15.63 -2.91 16.82
C GLY A 95 14.29 -3.43 17.30
N THR A 96 14.31 -4.62 17.95
CA THR A 96 13.11 -5.20 18.55
C THR A 96 12.81 -4.54 19.89
N PRO A 97 11.58 -4.71 20.46
CA PRO A 97 11.30 -4.30 21.84
C PRO A 97 12.31 -4.84 22.85
N ALA A 98 12.68 -6.12 22.72
CA ALA A 98 13.68 -6.70 23.61
C ALA A 98 15.01 -5.95 23.48
N HIS A 99 15.43 -5.59 22.26
CA HIS A 99 16.71 -4.91 22.09
C HIS A 99 16.71 -3.61 22.91
N ALA A 100 15.59 -2.87 22.90
CA ALA A 100 15.50 -1.61 23.60
C ALA A 100 15.62 -1.84 25.11
N ARG A 101 14.97 -2.89 25.63
CA ARG A 101 15.03 -3.22 27.06
C ARG A 101 16.43 -3.62 27.49
N GLU A 102 17.10 -4.44 26.69
CA GLU A 102 18.45 -4.88 27.00
C GLU A 102 19.38 -3.66 27.06
N THR A 103 19.23 -2.74 26.09
CA THR A 103 20.14 -1.60 25.98
C THR A 103 19.90 -0.69 27.20
N ALA A 104 18.62 -0.46 27.54
CA ALA A 104 18.28 0.37 28.68
C ALA A 104 18.86 -0.20 29.99
N ASP A 105 18.84 -1.53 30.18
CA ASP A 105 19.42 -2.14 31.36
C ASP A 105 20.89 -1.78 31.51
N TRP A 106 21.65 -1.90 30.41
CA TRP A 106 23.06 -1.57 30.44
C TRP A 106 23.25 -0.07 30.78
N ALA A 107 22.44 0.79 30.17
CA ALA A 107 22.59 2.23 30.34
C ALA A 107 22.35 2.61 31.79
N LEU A 108 21.25 2.10 32.38
CA LEU A 108 20.90 2.36 33.77
C LEU A 108 22.05 1.90 34.69
N ALA A 109 22.57 0.69 34.46
CA ALA A 109 23.69 0.21 35.23
C ALA A 109 24.93 1.11 35.10
N HIS A 110 25.04 1.96 34.08
CA HIS A 110 26.22 2.79 33.94
C HIS A 110 25.88 4.27 34.21
N GLY A 111 24.79 4.50 34.93
CA GLY A 111 24.47 5.83 35.45
C GLY A 111 23.86 6.77 34.40
N ALA A 112 23.40 6.26 33.26
CA ALA A 112 22.79 7.07 32.22
C ALA A 112 21.27 7.03 32.34
N ARG A 113 20.62 8.04 31.75
CA ARG A 113 19.20 8.07 31.49
C ARG A 113 19.01 7.64 30.02
N TYR A 114 17.92 6.96 29.69
CA TYR A 114 17.77 6.33 28.39
C TYR A 114 16.32 6.35 27.91
N ILE A 115 16.16 6.83 26.66
CA ILE A 115 14.92 6.79 25.91
C ILE A 115 15.20 6.11 24.58
N HIS A 116 14.20 5.41 24.01
CA HIS A 116 14.31 4.81 22.67
C HIS A 116 13.32 5.52 21.74
N GLY A 117 13.73 5.72 20.48
CA GLY A 117 12.82 6.28 19.49
C GLY A 117 12.83 5.51 18.17
N GLY A 118 11.74 5.71 17.42
CA GLY A 118 11.56 5.21 16.06
C GLY A 118 11.30 6.34 15.07
N ILE A 119 12.23 6.54 14.11
CA ILE A 119 12.11 7.60 13.12
C ILE A 119 11.18 7.13 12.01
N MET A 120 10.01 7.75 11.86
CA MET A 120 9.09 7.41 10.77
C MET A 120 9.21 8.52 9.73
N ALA A 121 10.30 8.41 8.96
CA ALA A 121 10.68 9.38 7.95
C ALA A 121 11.87 8.81 7.22
N VAL A 122 12.01 9.14 5.92
CA VAL A 122 13.27 8.92 5.21
C VAL A 122 14.12 10.21 5.35
N PRO A 123 15.44 10.17 5.09
CA PRO A 123 16.32 11.30 5.39
C PRO A 123 15.89 12.68 4.89
N PHE A 124 15.36 12.76 3.67
CA PHE A 124 14.97 14.07 3.13
C PHE A 124 13.76 14.64 3.87
N MET A 125 12.99 13.80 4.59
CA MET A 125 11.79 14.25 5.30
C MET A 125 12.14 14.90 6.64
N ILE A 126 13.36 14.68 7.16
CA ILE A 126 13.72 15.18 8.50
C ILE A 126 13.57 16.70 8.57
N GLY A 127 12.86 17.21 9.59
CA GLY A 127 12.72 18.65 9.76
C GLY A 127 11.39 19.19 9.22
N GLN A 128 10.69 18.38 8.40
CA GLN A 128 9.39 18.75 7.86
C GLN A 128 8.28 18.28 8.80
N PRO A 129 7.05 18.86 8.71
CA PRO A 129 5.97 18.54 9.65
C PRO A 129 5.47 17.09 9.62
N ASP A 130 5.56 16.43 8.45
CA ASP A 130 5.09 15.06 8.32
C ASP A 130 6.16 14.04 8.74
N ALA A 131 7.32 14.46 9.28
CA ALA A 131 8.21 13.54 9.99
C ALA A 131 7.66 13.25 11.38
N MET A 132 7.37 11.98 11.67
CA MET A 132 6.91 11.54 12.99
C MET A 132 8.03 10.75 13.65
N ILE A 133 8.37 11.10 14.89
CA ILE A 133 9.31 10.30 15.67
C ILE A 133 8.59 9.81 16.93
N LEU A 134 8.53 8.49 17.10
CA LEU A 134 7.96 7.85 18.28
C LEU A 134 8.99 7.75 19.38
N TYR A 135 8.56 7.92 20.64
CA TYR A 135 9.46 7.79 21.79
C TYR A 135 8.84 6.97 22.93
N SER A 136 9.70 6.22 23.65
CA SER A 136 9.28 5.49 24.84
C SER A 136 10.39 5.41 25.87
N GLY A 137 9.99 5.16 27.11
CA GLY A 137 10.87 5.20 28.28
C GLY A 137 10.30 6.12 29.36
N PRO A 138 11.03 6.37 30.48
CA PRO A 138 10.50 7.19 31.59
C PRO A 138 10.07 8.58 31.14
N ALA A 139 8.83 8.95 31.48
CA ALA A 139 8.22 10.19 31.02
C ALA A 139 9.05 11.43 31.42
N GLU A 140 9.68 11.43 32.61
CA GLU A 140 10.42 12.62 33.04
C GLU A 140 11.72 12.79 32.24
N VAL A 141 12.29 11.68 31.77
CA VAL A 141 13.49 11.75 30.94
C VAL A 141 13.11 12.37 29.59
N PHE A 142 11.99 11.93 29.01
CA PHE A 142 11.48 12.51 27.77
C PHE A 142 11.22 14.01 27.92
N GLU A 143 10.55 14.40 29.02
CA GLU A 143 10.25 15.81 29.31
C GLU A 143 11.51 16.69 29.29
N GLY A 144 12.59 16.16 29.84
CA GLY A 144 13.86 16.87 29.91
C GLY A 144 14.50 17.22 28.56
N VAL A 145 14.13 16.54 27.45
CA VAL A 145 14.78 16.77 26.17
C VAL A 145 13.81 16.97 24.99
N LYS A 146 12.50 16.91 25.20
CA LYS A 146 11.58 16.89 24.07
C LYS A 146 11.65 18.18 23.25
N ASP A 147 11.91 19.33 23.87
CA ASP A 147 11.90 20.58 23.13
C ASP A 147 13.04 20.60 22.12
N THR A 148 14.24 20.18 22.53
CA THR A 148 15.32 20.03 21.58
C THR A 148 14.96 19.03 20.47
N LEU A 149 14.39 17.88 20.84
CA LEU A 149 14.16 16.81 19.88
C LEU A 149 13.12 17.22 18.85
N SER A 150 12.25 18.20 19.19
CA SER A 150 11.17 18.64 18.30
C SER A 150 11.68 19.30 17.00
N VAL A 151 12.98 19.58 16.94
CA VAL A 151 13.65 20.04 15.73
C VAL A 151 13.62 19.00 14.61
N LEU A 152 13.61 17.69 14.94
CA LEU A 152 13.72 16.64 13.94
C LEU A 152 12.38 16.34 13.25
N GLY A 153 11.26 16.63 13.94
CA GLY A 153 9.92 16.22 13.53
C GLY A 153 8.91 16.32 14.68
N THR A 154 7.74 15.72 14.49
CA THR A 154 6.65 15.74 15.48
C THR A 154 6.89 14.63 16.49
N ASN A 155 7.12 14.98 17.76
CA ASN A 155 7.28 14.02 18.83
C ASN A 155 5.98 13.26 19.11
N THR A 156 6.05 11.93 19.26
CA THR A 156 4.89 11.13 19.63
C THR A 156 5.32 10.14 20.73
N TYR A 157 5.10 10.51 22.00
CA TYR A 157 5.42 9.65 23.12
C TYR A 157 4.38 8.53 23.22
N VAL A 158 4.79 7.28 23.36
CA VAL A 158 3.82 6.19 23.31
C VAL A 158 3.81 5.38 24.60
N GLY A 159 4.58 5.76 25.64
CA GLY A 159 4.46 5.13 26.94
C GLY A 159 5.79 4.88 27.64
N GLU A 160 5.69 4.29 28.85
CA GLU A 160 6.82 4.15 29.75
C GLU A 160 7.65 2.90 29.48
N ASP A 161 7.04 1.77 29.09
CA ASP A 161 7.79 0.58 28.71
C ASP A 161 8.71 0.99 27.56
N VAL A 162 10.02 0.90 27.81
CA VAL A 162 11.02 1.43 26.89
C VAL A 162 11.01 0.70 25.55
N GLY A 163 10.33 -0.46 25.47
CA GLY A 163 10.25 -1.22 24.23
C GLY A 163 9.09 -0.80 23.30
N LEU A 164 8.24 0.14 23.72
CA LEU A 164 7.00 0.40 22.97
C LEU A 164 7.26 1.16 21.68
N ALA A 165 8.23 2.08 21.67
CA ALA A 165 8.49 2.84 20.45
C ALA A 165 8.86 1.87 19.31
N SER A 166 9.69 0.87 19.64
CA SER A 166 10.10 -0.14 18.68
C SER A 166 8.93 -1.00 18.22
N LEU A 167 8.01 -1.38 19.12
CA LEU A 167 6.84 -2.14 18.68
C LEU A 167 6.03 -1.33 17.67
N HIS A 168 5.78 -0.06 17.99
CA HIS A 168 5.03 0.81 17.08
C HIS A 168 5.76 0.99 15.73
N ASP A 169 7.07 1.18 15.80
CA ASP A 169 7.90 1.42 14.63
C ASP A 169 7.81 0.19 13.74
N LEU A 170 8.07 -1.01 14.28
CA LEU A 170 8.11 -2.23 13.46
C LEU A 170 6.73 -2.55 12.88
N ALA A 171 5.66 -2.19 13.60
CA ALA A 171 4.31 -2.38 13.08
C ALA A 171 4.04 -1.48 11.86
N LEU A 172 4.39 -0.19 11.95
CA LEU A 172 4.23 0.75 10.84
C LEU A 172 5.10 0.35 9.63
N LEU A 173 6.32 -0.17 9.88
CA LEU A 173 7.17 -0.63 8.80
C LEU A 173 6.54 -1.84 8.11
N SER A 174 5.92 -2.76 8.86
CA SER A 174 5.25 -3.90 8.24
C SER A 174 4.09 -3.43 7.34
N GLY A 175 3.35 -2.40 7.77
CA GLY A 175 2.33 -1.74 6.96
C GLY A 175 2.87 -1.27 5.61
N MET A 176 4.00 -0.55 5.67
CA MET A 176 4.70 -0.05 4.51
C MET A 176 5.18 -1.19 3.61
N TYR A 177 5.68 -2.30 4.17
CA TYR A 177 6.16 -3.41 3.34
C TYR A 177 5.00 -4.10 2.59
N GLY A 178 3.80 -4.07 3.16
CA GLY A 178 2.59 -4.47 2.44
C GLY A 178 2.31 -3.60 1.21
N LEU A 179 2.28 -2.28 1.43
CA LEU A 179 2.06 -1.28 0.40
C LEU A 179 3.11 -1.48 -0.71
N PHE A 180 4.38 -1.71 -0.32
CA PHE A 180 5.44 -1.89 -1.30
C PHE A 180 5.30 -3.22 -2.02
N SER A 181 4.75 -4.26 -1.37
CA SER A 181 4.46 -5.53 -2.05
C SER A 181 3.43 -5.29 -3.17
N GLY A 182 2.39 -4.51 -2.85
CA GLY A 182 1.37 -4.15 -3.84
C GLY A 182 1.92 -3.33 -5.01
N PHE A 183 2.73 -2.30 -4.72
CA PHE A 183 3.36 -1.51 -5.78
C PHE A 183 4.15 -2.43 -6.71
N THR A 184 4.92 -3.35 -6.12
CA THR A 184 5.85 -4.15 -6.91
C THR A 184 5.06 -5.05 -7.85
N HIS A 185 4.03 -5.74 -7.35
CA HIS A 185 3.23 -6.62 -8.20
C HIS A 185 2.51 -5.83 -9.32
N ALA A 186 1.89 -4.70 -8.98
CA ALA A 186 1.09 -3.93 -9.93
C ALA A 186 1.98 -3.38 -11.04
N VAL A 187 3.16 -2.87 -10.70
CA VAL A 187 4.04 -2.27 -11.68
C VAL A 187 4.66 -3.36 -12.56
N ALA A 188 4.96 -4.53 -11.98
CA ALA A 188 5.44 -5.63 -12.80
C ALA A 188 4.40 -6.01 -13.86
N LEU A 189 3.11 -6.05 -13.51
CA LEU A 189 2.07 -6.43 -14.46
C LEU A 189 2.01 -5.45 -15.65
N VAL A 190 2.01 -4.15 -15.36
CA VAL A 190 1.91 -3.17 -16.45
C VAL A 190 3.22 -3.18 -17.25
N GLN A 191 4.38 -3.36 -16.59
CA GLN A 191 5.66 -3.36 -17.30
C GLN A 191 5.77 -4.57 -18.24
N SER A 192 5.12 -5.69 -17.91
CA SER A 192 5.13 -6.87 -18.76
C SER A 192 4.37 -6.65 -20.07
N ALA A 193 3.60 -5.57 -20.18
CA ALA A 193 2.93 -5.22 -21.43
C ALA A 193 3.49 -3.90 -21.96
N ASN A 194 4.70 -3.52 -21.51
CA ASN A 194 5.45 -2.37 -22.01
C ASN A 194 4.72 -1.05 -21.75
N ILE A 195 4.04 -0.95 -20.60
CA ILE A 195 3.42 0.28 -20.14
C ILE A 195 4.37 0.99 -19.18
N PRO A 196 4.75 2.26 -19.41
CA PRO A 196 5.56 2.99 -18.46
C PRO A 196 4.98 2.95 -17.04
N ALA A 197 5.86 2.88 -16.04
CA ALA A 197 5.44 2.90 -14.65
C ALA A 197 4.96 4.30 -14.23
N ALA A 198 5.67 5.34 -14.68
CA ALA A 198 5.45 6.69 -14.17
C ALA A 198 3.99 7.15 -14.31
N GLY A 199 3.43 7.12 -15.52
CA GLY A 199 2.06 7.61 -15.76
C GLY A 199 0.98 6.78 -15.01
N PHE A 200 1.13 5.46 -15.07
CA PHE A 200 0.22 4.54 -14.39
C PHE A 200 0.23 4.81 -12.89
N VAL A 201 1.42 5.02 -12.30
CA VAL A 201 1.50 5.21 -10.86
C VAL A 201 0.92 6.58 -10.47
N ALA A 202 1.28 7.63 -11.22
CA ALA A 202 0.82 8.97 -10.88
C ALA A 202 -0.70 9.13 -11.04
N THR A 203 -1.29 8.57 -12.10
CA THR A 203 -2.66 8.90 -12.47
C THR A 203 -3.68 7.81 -12.08
N GLN A 204 -3.22 6.58 -11.76
CA GLN A 204 -4.13 5.48 -11.50
C GLN A 204 -3.86 4.79 -10.15
N LEU A 205 -2.62 4.33 -9.91
CA LEU A 205 -2.33 3.61 -8.67
C LEU A 205 -2.42 4.48 -7.41
N ILE A 206 -1.78 5.66 -7.40
CA ILE A 206 -1.83 6.51 -6.21
C ILE A 206 -3.27 6.91 -5.86
N PRO A 207 -4.10 7.45 -6.81
CA PRO A 207 -5.47 7.81 -6.45
C PRO A 207 -6.30 6.64 -5.91
N TRP A 208 -6.16 5.44 -6.50
CA TRP A 208 -6.80 4.23 -6.02
C TRP A 208 -6.36 3.89 -4.59
N LEU A 209 -5.04 3.89 -4.34
CA LEU A 209 -4.55 3.54 -3.01
C LEU A 209 -5.05 4.57 -1.99
N THR A 210 -5.17 5.85 -2.41
CA THR A 210 -5.61 6.90 -1.50
C THR A 210 -7.06 6.66 -1.06
N ALA A 211 -7.92 6.25 -2.00
CA ALA A 211 -9.30 5.95 -1.69
C ALA A 211 -9.39 4.78 -0.72
N MET A 212 -8.66 3.69 -1.02
CA MET A 212 -8.74 2.48 -0.20
C MET A 212 -8.10 2.72 1.16
N THR A 213 -7.21 3.72 1.29
CA THR A 213 -6.54 3.98 2.56
C THR A 213 -7.54 4.53 3.59
N GLN A 214 -8.52 5.31 3.13
CA GLN A 214 -9.54 5.87 4.01
C GLN A 214 -10.45 4.79 4.59
N HIS A 215 -10.71 3.72 3.82
CA HIS A 215 -11.52 2.60 4.26
C HIS A 215 -10.91 1.91 5.49
N LEU A 216 -9.60 2.11 5.76
CA LEU A 216 -8.92 1.40 6.84
C LEU A 216 -9.46 1.80 8.22
N ASN A 217 -10.05 3.00 8.34
CA ASN A 217 -10.65 3.43 9.61
C ASN A 217 -11.82 2.51 9.98
N LEU A 218 -12.72 2.23 9.03
CA LEU A 218 -13.84 1.33 9.26
C LEU A 218 -13.35 -0.07 9.69
N LEU A 219 -12.35 -0.62 8.98
CA LEU A 219 -11.80 -1.93 9.33
C LEU A 219 -11.25 -1.92 10.75
N ALA A 220 -10.61 -0.81 11.17
CA ALA A 220 -10.01 -0.78 12.51
C ALA A 220 -11.09 -0.82 13.58
N THR A 221 -12.19 -0.09 13.37
CA THR A 221 -13.33 -0.15 14.27
C THR A 221 -13.84 -1.59 14.42
N GLN A 222 -13.98 -2.31 13.31
CA GLN A 222 -14.46 -3.69 13.32
C GLN A 222 -13.49 -4.60 14.07
N VAL A 223 -12.18 -4.32 13.98
CA VAL A 223 -11.20 -5.09 14.74
C VAL A 223 -11.44 -4.92 16.24
N ASP A 224 -11.59 -3.68 16.71
CA ASP A 224 -11.79 -3.37 18.13
C ASP A 224 -13.08 -4.00 18.67
N GLU A 225 -14.19 -3.88 17.92
CA GLU A 225 -15.49 -4.41 18.32
C GLU A 225 -15.62 -5.90 18.06
N LYS A 226 -14.58 -6.56 17.53
CA LYS A 226 -14.63 -7.98 17.21
C LYS A 226 -15.93 -8.33 16.49
N ASP A 227 -16.25 -7.54 15.46
CA ASP A 227 -17.49 -7.67 14.73
C ASP A 227 -17.21 -7.36 13.27
N TYR A 228 -17.19 -8.40 12.42
CA TYR A 228 -16.55 -8.31 11.11
C TYR A 228 -17.63 -8.08 10.07
N GLY A 229 -17.21 -7.86 8.83
CA GLY A 229 -18.16 -7.52 7.75
C GLY A 229 -17.69 -6.31 6.97
N GLY A 231 -22.30 -8.00 5.57
CA GLY A 231 -22.11 -7.89 4.10
C GLY A 231 -20.91 -7.05 3.75
N GLY A 232 -21.13 -5.81 3.32
CA GLY A 232 -20.04 -4.92 2.89
C GLY A 232 -19.30 -5.56 1.74
N SER A 233 -17.98 -5.59 1.80
CA SER A 233 -17.24 -6.36 0.77
C SER A 233 -16.91 -7.68 1.43
N SER A 234 -17.75 -8.69 1.22
CA SER A 234 -17.58 -10.00 1.90
C SER A 234 -16.37 -10.73 1.36
N LEU A 235 -15.71 -11.51 2.22
CA LEU A 235 -14.57 -12.34 1.77
C LEU A 235 -15.03 -13.23 0.61
N ASP A 236 -16.32 -13.60 0.55
CA ASP A 236 -16.81 -14.43 -0.53
C ASP A 236 -16.57 -13.76 -1.88
N MET A 237 -16.78 -12.46 -1.93
CA MET A 237 -16.61 -11.81 -3.26
C MET A 237 -15.11 -11.77 -3.55
N GLN A 238 -14.33 -11.15 -2.67
CA GLN A 238 -12.86 -11.10 -2.83
C GLN A 238 -12.33 -12.43 -3.36
N ALA A 239 -12.83 -13.56 -2.85
CA ALA A 239 -12.31 -14.85 -3.27
C ALA A 239 -12.64 -15.14 -4.74
N LYS A 240 -13.40 -14.24 -5.41
CA LYS A 240 -13.68 -14.37 -6.84
C LYS A 240 -12.73 -13.51 -7.68
N ALA A 241 -12.14 -12.46 -7.12
CA ALA A 241 -11.16 -11.66 -7.87
C ALA A 241 -9.82 -12.37 -7.99
N ALA A 242 -9.48 -13.18 -6.97
CA ALA A 242 -8.15 -13.72 -6.80
C ALA A 242 -7.76 -14.62 -7.97
N PRO A 243 -8.56 -15.61 -8.40
CA PRO A 243 -8.16 -16.43 -9.55
C PRO A 243 -7.88 -15.62 -10.81
N ASN A 244 -8.62 -14.52 -11.02
CA ASN A 244 -8.36 -13.67 -12.18
C ASN A 244 -6.97 -13.03 -12.08
N ILE A 245 -6.60 -12.55 -10.89
CA ILE A 245 -5.28 -11.96 -10.70
C ILE A 245 -4.20 -13.03 -10.87
N LEU A 246 -4.37 -14.23 -10.27
CA LEU A 246 -3.35 -15.28 -10.40
C LEU A 246 -3.19 -15.72 -11.86
N GLU A 247 -4.30 -15.96 -12.58
CA GLU A 247 -4.20 -16.46 -13.95
C GLU A 247 -3.57 -15.43 -14.88
N ALA A 248 -3.94 -14.15 -14.72
CA ALA A 248 -3.39 -13.10 -15.58
C ALA A 248 -1.90 -12.92 -15.32
N SER A 249 -1.51 -12.97 -14.03
CA SER A 249 -0.10 -12.94 -13.64
C SER A 249 0.68 -14.05 -14.37
N GLN A 250 0.19 -15.30 -14.31
CA GLN A 250 0.84 -16.43 -14.97
C GLN A 250 0.96 -16.19 -16.49
N ALA A 251 -0.12 -15.74 -17.14
CA ALA A 251 -0.04 -15.51 -18.58
C ALA A 251 1.01 -14.45 -18.91
N GLN A 252 1.25 -13.48 -18.00
CA GLN A 252 2.18 -12.40 -18.25
C GLN A 252 3.62 -12.75 -17.83
N GLY A 253 3.84 -13.95 -17.25
CA GLY A 253 5.15 -14.33 -16.74
C GLY A 253 5.58 -13.58 -15.46
N VAL A 254 4.61 -13.18 -14.62
CA VAL A 254 4.88 -12.48 -13.38
C VAL A 254 4.64 -13.44 -12.23
N SER A 255 5.63 -13.61 -11.35
CA SER A 255 5.52 -14.44 -10.17
C SER A 255 4.45 -13.92 -9.24
N VAL A 256 3.72 -14.81 -8.55
CA VAL A 256 2.67 -14.39 -7.61
C VAL A 256 3.14 -14.42 -6.15
N GLU A 257 4.45 -14.51 -5.91
CA GLU A 257 4.97 -14.77 -4.57
C GLU A 257 4.63 -13.66 -3.54
N LEU A 258 4.46 -12.42 -3.98
CA LEU A 258 4.20 -11.29 -3.09
C LEU A 258 2.72 -11.19 -2.67
N ILE A 259 1.77 -11.78 -3.40
CA ILE A 259 0.35 -11.55 -3.12
C ILE A 259 -0.42 -12.84 -2.78
N GLN A 260 0.12 -14.01 -3.11
CA GLN A 260 -0.58 -15.26 -2.86
C GLN A 260 -0.90 -15.45 -1.35
N PRO A 261 -0.07 -15.02 -0.37
CA PRO A 261 -0.40 -15.23 1.03
C PRO A 261 -1.78 -14.74 1.49
N ILE A 262 -2.16 -13.52 1.11
CA ILE A 262 -3.42 -12.99 1.59
C ILE A 262 -4.59 -13.77 0.99
N PHE A 263 -4.45 -14.19 -0.28
CA PHE A 263 -5.47 -15.01 -0.94
C PHE A 263 -5.63 -16.35 -0.21
N LYS A 264 -4.54 -16.95 0.28
CA LYS A 264 -4.71 -18.19 1.03
C LYS A 264 -5.41 -17.96 2.38
N LEU A 265 -5.13 -16.82 3.05
CA LEU A 265 -5.75 -16.53 4.33
C LEU A 265 -7.26 -16.39 4.13
N ILE A 266 -7.63 -15.63 3.10
CA ILE A 266 -9.02 -15.33 2.78
C ILE A 266 -9.77 -16.65 2.56
N GLU A 267 -9.16 -17.55 1.77
CA GLU A 267 -9.75 -18.84 1.45
C GLU A 267 -9.90 -19.68 2.72
N ARG A 268 -8.96 -19.64 3.68
CA ARG A 268 -9.14 -20.36 4.94
C ARG A 268 -10.38 -19.89 5.72
N ARG A 269 -10.63 -18.59 5.70
CA ARG A 269 -11.75 -18.05 6.46
C ARG A 269 -13.07 -18.47 5.82
N VAL A 270 -13.11 -18.52 4.48
CA VAL A 270 -14.30 -18.97 3.77
C VAL A 270 -14.58 -20.42 4.16
N GLU A 271 -13.52 -21.24 4.29
CA GLU A 271 -13.67 -22.65 4.60
C GLU A 271 -14.08 -22.89 6.06
N GLU A 272 -13.88 -21.90 6.95
CA GLU A 272 -14.37 -21.95 8.33
C GLU A 272 -15.87 -21.65 8.40
N GLY A 273 -16.52 -21.32 7.27
CA GLY A 273 -17.93 -20.97 7.24
C GLY A 273 -18.22 -19.47 7.38
N LYS A 274 -17.20 -18.60 7.28
CA LYS A 274 -17.36 -17.18 7.57
C LYS A 274 -17.07 -16.30 6.35
N GLY A 275 -17.39 -16.82 5.16
CA GLY A 275 -17.23 -16.08 3.91
C GLY A 275 -18.06 -14.79 3.84
N SER A 276 -19.09 -14.67 4.69
CA SER A 276 -19.94 -13.47 4.70
C SER A 276 -19.35 -12.35 5.56
N GLU A 277 -18.32 -12.63 6.38
CA GLU A 277 -17.54 -11.60 7.07
C GLU A 277 -16.66 -10.80 6.11
N GLY A 278 -16.01 -9.75 6.65
CA GLY A 278 -15.16 -8.86 5.84
C GLY A 278 -13.68 -8.96 6.14
N LEU A 279 -12.87 -8.02 5.65
CA LEU A 279 -11.41 -8.15 5.75
C LEU A 279 -10.90 -7.98 7.18
N ALA A 280 -11.69 -7.40 8.09
CA ALA A 280 -11.19 -7.17 9.43
C ALA A 280 -10.99 -8.47 10.21
N ALA A 281 -11.67 -9.55 9.78
CA ALA A 281 -11.50 -10.85 10.38
C ALA A 281 -10.07 -11.41 10.28
N LEU A 282 -9.27 -10.94 9.31
CA LEU A 282 -7.95 -11.50 9.05
C LEU A 282 -6.99 -11.28 10.22
N VAL A 283 -7.10 -10.15 10.94
CA VAL A 283 -6.15 -9.80 12.00
C VAL A 283 -6.08 -10.91 13.05
N GLY A 284 -7.25 -11.34 13.54
CA GLY A 284 -7.32 -12.37 14.57
C GLY A 284 -6.73 -13.71 14.09
N MET A 285 -6.82 -13.97 12.79
CA MET A 285 -6.35 -15.23 12.24
C MET A 285 -4.83 -15.34 12.33
N ILE A 286 -4.07 -14.23 12.23
CA ILE A 286 -2.62 -14.33 12.26
C ILE A 286 -2.06 -14.17 13.68
N MET A 287 -2.92 -13.88 14.67
CA MET A 287 -2.49 -13.70 16.06
C MET A 287 -2.40 -15.04 16.79
N LYS A 288 -3.01 -16.08 16.22
N ASN B 3 -33.79 11.02 -24.41
CA ASN B 3 -32.33 10.80 -24.63
C ASN B 3 -32.04 9.39 -25.17
N SER B 4 -30.81 9.29 -25.70
CA SER B 4 -30.30 8.12 -26.39
C SER B 4 -30.63 6.83 -25.63
N PRO B 5 -31.34 5.85 -26.23
CA PRO B 5 -31.62 4.58 -25.54
C PRO B 5 -30.37 3.78 -25.19
N VAL B 6 -30.41 3.05 -24.06
CA VAL B 6 -29.35 2.12 -23.68
C VAL B 6 -30.01 0.84 -23.15
N SER B 7 -29.36 -0.30 -23.39
CA SER B 7 -29.79 -1.55 -22.77
C SER B 7 -28.71 -2.09 -21.82
N VAL B 8 -29.15 -2.69 -20.68
CA VAL B 8 -28.25 -3.21 -19.65
C VAL B 8 -28.58 -4.68 -19.42
N PHE B 9 -27.57 -5.55 -19.59
CA PHE B 9 -27.71 -6.99 -19.42
C PHE B 9 -26.97 -7.38 -18.15
N GLY B 10 -27.72 -7.85 -17.14
CA GLY B 10 -27.16 -8.23 -15.85
C GLY B 10 -27.45 -7.17 -14.79
N LEU B 11 -28.25 -7.56 -13.78
CA LEU B 11 -28.77 -6.62 -12.79
C LEU B 11 -28.35 -7.04 -11.38
N GLY B 12 -27.12 -7.52 -11.19
CA GLY B 12 -26.50 -7.58 -9.88
C GLY B 12 -26.25 -6.17 -9.32
N ALA B 13 -25.41 -6.07 -8.29
CA ALA B 13 -25.18 -4.79 -7.64
C ALA B 13 -24.68 -3.71 -8.63
N MET B 14 -23.64 -4.01 -9.41
CA MET B 14 -23.05 -2.98 -10.31
C MET B 14 -23.97 -2.64 -11.49
N GLY B 15 -24.56 -3.65 -12.12
CA GLY B 15 -25.47 -3.42 -13.24
C GLY B 15 -26.72 -2.64 -12.84
N THR B 16 -27.24 -2.90 -11.63
CA THR B 16 -28.35 -2.12 -11.06
C THR B 16 -27.96 -0.64 -10.98
N ALA B 17 -26.75 -0.35 -10.45
CA ALA B 17 -26.31 1.04 -10.31
C ALA B 17 -26.11 1.71 -11.67
N LEU B 18 -25.57 0.98 -12.65
CA LEU B 18 -25.41 1.52 -14.01
C LEU B 18 -26.78 1.91 -14.60
N ALA B 19 -27.74 0.98 -14.60
CA ALA B 19 -29.07 1.27 -15.12
C ALA B 19 -29.71 2.47 -14.38
N THR B 20 -29.57 2.51 -13.04
CA THR B 20 -30.15 3.59 -12.24
C THR B 20 -29.64 4.95 -12.71
N GLN B 21 -28.32 5.04 -12.95
CA GLN B 21 -27.72 6.30 -13.33
C GLN B 21 -28.16 6.73 -14.74
N PHE B 22 -28.34 5.81 -15.69
CA PHE B 22 -28.84 6.16 -17.02
C PHE B 22 -30.28 6.72 -16.89
N LEU B 23 -31.12 6.11 -16.05
CA LEU B 23 -32.47 6.61 -15.81
C LEU B 23 -32.45 8.01 -15.18
N ARG B 24 -31.60 8.21 -14.17
CA ARG B 24 -31.47 9.50 -13.50
C ARG B 24 -31.07 10.59 -14.49
N LYS B 25 -30.28 10.29 -15.53
CA LYS B 25 -29.88 11.30 -16.50
C LYS B 25 -30.84 11.35 -17.69
N GLY B 26 -31.95 10.61 -17.61
CA GLY B 26 -33.04 10.74 -18.56
C GLY B 26 -32.92 9.85 -19.81
N HIS B 27 -32.09 8.78 -19.79
CA HIS B 27 -32.02 7.85 -20.91
C HIS B 27 -33.11 6.80 -20.81
N LYS B 28 -33.75 6.46 -21.93
CA LYS B 28 -34.67 5.34 -22.04
C LYS B 28 -33.86 4.06 -21.86
N THR B 29 -34.10 3.34 -20.75
CA THR B 29 -33.25 2.27 -20.30
C THR B 29 -34.02 0.96 -20.31
N THR B 30 -33.55 0.00 -21.12
CA THR B 30 -34.14 -1.32 -21.19
C THR B 30 -33.22 -2.26 -20.40
N VAL B 31 -33.80 -3.16 -19.57
CA VAL B 31 -33.01 -4.03 -18.71
C VAL B 31 -33.38 -5.49 -18.96
N TRP B 32 -32.39 -6.39 -18.78
CA TRP B 32 -32.58 -7.83 -18.87
C TRP B 32 -31.77 -8.51 -17.77
N ASN B 33 -32.30 -9.61 -17.21
CA ASN B 33 -31.54 -10.45 -16.30
C ASN B 33 -32.00 -11.92 -16.41
N ARG B 34 -31.10 -12.89 -16.16
CA ARG B 34 -31.48 -14.30 -16.16
C ARG B 34 -32.68 -14.52 -15.22
N THR B 35 -32.64 -13.93 -14.00
CA THR B 35 -33.73 -14.04 -13.03
C THR B 35 -34.58 -12.77 -13.04
N PRO B 36 -35.94 -12.84 -13.21
CA PRO B 36 -36.77 -11.64 -13.30
C PRO B 36 -36.90 -10.74 -12.07
N ALA B 37 -36.69 -11.27 -10.86
CA ALA B 37 -36.97 -10.50 -9.64
C ALA B 37 -36.10 -9.24 -9.58
N LYS B 38 -34.85 -9.33 -10.03
CA LYS B 38 -33.93 -8.22 -9.89
C LYS B 38 -34.29 -7.05 -10.81
N ALA B 39 -35.25 -7.25 -11.71
CA ALA B 39 -35.71 -6.17 -12.58
C ALA B 39 -36.63 -5.19 -11.84
N GLN B 40 -37.29 -5.64 -10.77
CA GLN B 40 -38.42 -4.89 -10.21
C GLN B 40 -37.97 -3.56 -9.62
N PRO B 41 -36.85 -3.43 -8.88
CA PRO B 41 -36.38 -2.12 -8.43
C PRO B 41 -36.15 -1.12 -9.56
N LEU B 42 -35.85 -1.62 -10.78
CA LEU B 42 -35.61 -0.76 -11.92
C LEU B 42 -36.89 -0.45 -12.68
N ILE B 43 -37.81 -1.42 -12.80
CA ILE B 43 -39.15 -1.09 -13.30
C ILE B 43 -39.74 0.03 -12.43
N ALA B 44 -39.51 -0.01 -11.10
CA ALA B 44 -40.08 0.96 -10.17
C ALA B 44 -39.65 2.39 -10.48
N ILE B 45 -38.48 2.59 -11.13
CA ILE B 45 -37.99 3.93 -11.42
C ILE B 45 -37.99 4.22 -12.92
N GLY B 46 -38.72 3.41 -13.72
CA GLY B 46 -39.01 3.80 -15.10
C GLY B 46 -38.37 2.92 -16.18
N ALA B 47 -37.65 1.86 -15.81
CA ALA B 47 -37.00 1.00 -16.81
C ALA B 47 -38.07 0.17 -17.55
N SER B 48 -37.80 -0.19 -18.83
CA SER B 48 -38.53 -1.25 -19.51
C SER B 48 -37.88 -2.61 -19.24
N HIS B 49 -38.66 -3.60 -18.83
CA HIS B 49 -38.13 -4.94 -18.65
C HIS B 49 -38.31 -5.72 -19.95
N ALA B 50 -37.21 -6.08 -20.62
CA ALA B 50 -37.26 -6.88 -21.84
C ALA B 50 -37.49 -8.34 -21.45
N PRO B 51 -38.47 -9.04 -22.05
CA PRO B 51 -38.68 -10.45 -21.76
C PRO B 51 -37.65 -11.42 -22.34
N THR B 52 -36.91 -10.99 -23.36
CA THR B 52 -35.88 -11.84 -23.96
C THR B 52 -34.60 -11.04 -24.26
N ILE B 53 -33.52 -11.79 -24.51
CA ILE B 53 -32.24 -11.22 -24.90
C ILE B 53 -32.41 -10.50 -26.24
N ASP B 54 -33.17 -11.10 -27.16
CA ASP B 54 -33.45 -10.51 -28.46
C ASP B 54 -34.12 -9.15 -28.34
N SER B 55 -35.14 -9.08 -27.48
CA SER B 55 -35.91 -7.87 -27.27
C SER B 55 -35.05 -6.75 -26.67
N ALA B 56 -34.16 -7.09 -25.72
CA ALA B 56 -33.27 -6.11 -25.12
C ALA B 56 -32.28 -5.56 -26.14
N ALA B 57 -31.75 -6.44 -27.00
CA ALA B 57 -30.79 -6.06 -28.04
C ALA B 57 -31.45 -5.16 -29.08
N ALA B 58 -32.74 -5.39 -29.39
CA ALA B 58 -33.40 -4.61 -30.43
C ALA B 58 -33.74 -3.19 -29.96
N ALA B 59 -33.87 -2.97 -28.64
CA ALA B 59 -34.31 -1.68 -28.12
C ALA B 59 -33.27 -0.55 -28.24
N SER B 60 -31.98 -0.86 -28.44
CA SER B 60 -30.92 0.15 -28.37
C SER B 60 -29.78 -0.20 -29.32
N SER B 61 -28.91 0.75 -29.63
CA SER B 61 -27.72 0.38 -30.38
C SER B 61 -26.48 0.31 -29.47
N LEU B 62 -26.62 0.77 -28.22
CA LEU B 62 -25.56 0.71 -27.21
C LEU B 62 -25.97 -0.31 -26.14
N LEU B 63 -25.23 -1.42 -26.06
CA LEU B 63 -25.56 -2.57 -25.24
C LEU B 63 -24.46 -2.80 -24.19
N ILE B 64 -24.85 -2.68 -22.91
CA ILE B 64 -23.93 -2.74 -21.79
C ILE B 64 -24.11 -4.10 -21.12
N ILE B 65 -23.01 -4.85 -20.94
CA ILE B 65 -23.07 -6.17 -20.32
C ILE B 65 -22.29 -6.15 -19.01
N CYS B 66 -22.96 -6.49 -17.89
CA CYS B 66 -22.32 -6.48 -16.58
C CYS B 66 -22.79 -7.71 -15.82
N GLN B 67 -22.13 -8.85 -16.07
CA GLN B 67 -22.50 -10.15 -15.54
C GLN B 67 -21.41 -10.65 -14.60
N LEU B 68 -21.58 -11.89 -14.13
CA LEU B 68 -20.71 -12.52 -13.13
C LEU B 68 -19.28 -12.72 -13.68
N ASP B 69 -19.17 -13.40 -14.83
CA ASP B 69 -17.87 -13.77 -15.38
C ASP B 69 -17.99 -13.95 -16.91
N LYS B 70 -16.85 -14.18 -17.57
CA LYS B 70 -16.80 -14.30 -19.02
C LYS B 70 -17.67 -15.46 -19.52
N ALA B 71 -17.68 -16.61 -18.82
CA ALA B 71 -18.58 -17.70 -19.14
C ALA B 71 -20.04 -17.24 -19.27
N SER B 72 -20.50 -16.40 -18.35
CA SER B 72 -21.88 -15.95 -18.36
C SER B 72 -22.12 -15.00 -19.54
N VAL B 73 -21.12 -14.21 -19.92
CA VAL B 73 -21.25 -13.30 -21.04
C VAL B 73 -21.44 -14.12 -22.32
N MET B 74 -20.60 -15.14 -22.50
CA MET B 74 -20.68 -16.05 -23.64
C MET B 74 -22.05 -16.76 -23.69
N GLN B 75 -22.62 -17.14 -22.53
CA GLN B 75 -23.91 -17.79 -22.50
C GLN B 75 -25.02 -16.84 -22.97
N THR B 76 -24.92 -15.56 -22.60
CA THR B 76 -25.82 -14.53 -23.11
C THR B 76 -25.69 -14.33 -24.62
N LEU B 77 -24.45 -14.12 -25.13
CA LEU B 77 -24.19 -13.93 -26.53
C LEU B 77 -24.73 -15.09 -27.38
N GLN B 78 -24.41 -16.34 -27.00
CA GLN B 78 -24.73 -17.53 -27.79
C GLN B 78 -26.24 -17.84 -27.85
N GLN B 79 -27.05 -17.21 -26.99
CA GLN B 79 -28.47 -17.52 -26.93
C GLN B 79 -29.22 -16.74 -28.01
N ALA B 80 -28.64 -15.66 -28.56
CA ALA B 80 -29.28 -14.89 -29.62
C ALA B 80 -28.23 -14.39 -30.60
N PRO B 81 -27.57 -15.31 -31.33
CA PRO B 81 -26.38 -14.97 -32.13
C PRO B 81 -26.57 -13.97 -33.28
N THR B 82 -27.80 -13.79 -33.79
CA THR B 82 -28.03 -12.81 -34.85
C THR B 82 -28.42 -11.44 -34.28
N ALA B 83 -28.68 -11.35 -32.98
CA ALA B 83 -29.11 -10.08 -32.36
C ALA B 83 -28.03 -8.99 -32.32
N TRP B 84 -26.73 -9.31 -32.48
CA TRP B 84 -25.65 -8.36 -32.13
C TRP B 84 -25.13 -7.54 -33.31
N ALA B 85 -25.54 -7.84 -34.55
CA ALA B 85 -24.98 -7.22 -35.74
C ALA B 85 -25.18 -5.70 -35.75
N ALA B 86 -24.09 -4.96 -36.00
CA ALA B 86 -24.10 -3.52 -36.16
C ALA B 86 -24.32 -2.79 -34.83
N LYS B 87 -24.38 -3.51 -33.70
CA LYS B 87 -24.47 -2.88 -32.38
C LYS B 87 -23.08 -2.61 -31.81
N THR B 88 -23.01 -1.69 -30.83
CA THR B 88 -21.84 -1.54 -30.01
C THR B 88 -22.05 -2.22 -28.64
N ILE B 89 -21.25 -3.27 -28.36
CA ILE B 89 -21.25 -3.96 -27.07
C ILE B 89 -20.18 -3.32 -26.18
N VAL B 90 -20.59 -2.84 -25.00
CA VAL B 90 -19.64 -2.42 -23.97
C VAL B 90 -19.67 -3.40 -22.81
N ASP B 91 -18.62 -4.21 -22.65
CA ASP B 91 -18.59 -5.33 -21.71
C ASP B 91 -17.80 -4.89 -20.47
N LEU B 92 -18.48 -4.77 -19.33
CA LEU B 92 -17.85 -4.32 -18.08
C LEU B 92 -17.68 -5.49 -17.11
N THR B 93 -17.66 -6.72 -17.62
CA THR B 93 -17.63 -7.91 -16.79
C THR B 93 -16.17 -8.25 -16.42
N ASN B 94 -15.91 -8.46 -15.14
CA ASN B 94 -14.54 -8.70 -14.67
C ASN B 94 -13.95 -9.98 -15.29
N GLY B 95 -12.64 -9.97 -15.52
CA GLY B 95 -11.94 -11.13 -16.04
C GLY B 95 -10.48 -10.85 -16.39
N THR B 96 -9.85 -11.86 -17.03
CA THR B 96 -8.47 -11.77 -17.46
C THR B 96 -8.39 -11.06 -18.81
N PRO B 97 -7.19 -10.54 -19.20
CA PRO B 97 -6.99 -10.02 -20.55
C PRO B 97 -7.39 -11.03 -21.63
N ALA B 98 -7.05 -12.31 -21.43
CA ALA B 98 -7.42 -13.33 -22.41
C ALA B 98 -8.94 -13.41 -22.55
N HIS B 99 -9.68 -13.34 -21.43
CA HIS B 99 -11.13 -13.42 -21.49
C HIS B 99 -11.68 -12.33 -22.45
N ALA B 100 -11.14 -11.11 -22.34
CA ALA B 100 -11.62 -9.99 -23.12
C ALA B 100 -11.31 -10.22 -24.60
N ARG B 101 -10.11 -10.74 -24.91
CA ARG B 101 -9.75 -11.02 -26.30
C ARG B 101 -10.63 -12.09 -26.92
N GLU B 102 -10.90 -13.16 -26.17
CA GLU B 102 -11.74 -14.24 -26.66
C GLU B 102 -13.16 -13.71 -26.94
N THR B 103 -13.69 -12.86 -26.04
CA THR B 103 -15.05 -12.36 -26.17
C THR B 103 -15.12 -11.46 -27.41
N ALA B 104 -14.11 -10.58 -27.58
CA ALA B 104 -14.05 -9.71 -28.73
C ALA B 104 -14.01 -10.49 -30.06
N ASP B 105 -13.27 -11.61 -30.10
CA ASP B 105 -13.21 -12.46 -31.29
C ASP B 105 -14.60 -12.94 -31.70
N TRP B 106 -15.36 -13.45 -30.73
CA TRP B 106 -16.71 -13.92 -31.03
C TRP B 106 -17.59 -12.77 -31.54
N ALA B 107 -17.48 -11.60 -30.89
CA ALA B 107 -18.33 -10.46 -31.22
C ALA B 107 -18.07 -10.01 -32.66
N LEU B 108 -16.77 -9.87 -33.03
CA LEU B 108 -16.38 -9.49 -34.37
C LEU B 108 -16.92 -10.49 -35.40
N ALA B 109 -16.79 -11.77 -35.12
CA ALA B 109 -17.30 -12.80 -36.02
C ALA B 109 -18.81 -12.71 -36.18
N HIS B 110 -19.54 -12.03 -35.28
CA HIS B 110 -20.99 -11.97 -35.40
C HIS B 110 -21.42 -10.54 -35.75
N GLY B 111 -20.51 -9.76 -36.33
CA GLY B 111 -20.83 -8.47 -36.91
C GLY B 111 -21.04 -7.34 -35.89
N ALA B 112 -20.61 -7.53 -34.62
CA ALA B 112 -20.72 -6.49 -33.60
C ALA B 112 -19.42 -5.72 -33.48
N ARG B 113 -19.50 -4.52 -32.87
CA ARG B 113 -18.38 -3.72 -32.40
C ARG B 113 -18.25 -3.95 -30.90
N TYR B 114 -17.01 -3.95 -30.36
CA TYR B 114 -16.81 -4.38 -28.97
C TYR B 114 -15.65 -3.61 -28.32
N ILE B 115 -15.95 -3.06 -27.13
CA ILE B 115 -14.93 -2.56 -26.23
C ILE B 115 -15.13 -3.17 -24.84
N HIS B 116 -14.04 -3.20 -24.05
CA HIS B 116 -14.04 -3.75 -22.70
C HIS B 116 -13.77 -2.62 -21.71
N GLY B 117 -14.47 -2.65 -20.56
CA GLY B 117 -14.23 -1.67 -19.51
C GLY B 117 -14.02 -2.31 -18.14
N GLY B 118 -13.27 -1.60 -17.27
CA GLY B 118 -13.04 -1.99 -15.90
C GLY B 118 -13.43 -0.89 -14.92
N ILE B 119 -14.41 -1.19 -14.06
CA ILE B 119 -14.93 -0.15 -13.12
C ILE B 119 -14.11 -0.16 -11.83
N MET B 120 -13.32 0.89 -11.64
CA MET B 120 -12.52 1.04 -10.41
C MET B 120 -13.37 1.90 -9.47
N ALA B 121 -14.38 1.28 -8.85
CA ALA B 121 -15.32 2.05 -8.03
C ALA B 121 -16.33 1.11 -7.38
N VAL B 122 -16.87 1.53 -6.24
CA VAL B 122 -17.94 0.77 -5.56
C VAL B 122 -19.25 1.23 -6.22
N PRO B 123 -20.25 0.35 -6.35
CA PRO B 123 -21.54 0.76 -6.92
C PRO B 123 -22.10 2.12 -6.46
N PHE B 124 -21.94 2.50 -5.18
CA PHE B 124 -22.46 3.77 -4.70
C PHE B 124 -21.72 4.96 -5.35
N MET B 125 -20.50 4.74 -5.85
CA MET B 125 -19.71 5.84 -6.44
C MET B 125 -20.09 6.08 -7.91
N ILE B 126 -20.82 5.15 -8.53
CA ILE B 126 -21.22 5.32 -9.93
C ILE B 126 -21.98 6.64 -10.09
N GLY B 127 -21.59 7.44 -11.09
CA GLY B 127 -22.23 8.73 -11.31
C GLY B 127 -21.34 9.90 -10.90
N GLN B 128 -20.39 9.65 -9.97
CA GLN B 128 -19.53 10.69 -9.46
C GLN B 128 -18.26 10.77 -10.31
N PRO B 129 -17.58 11.94 -10.36
CA PRO B 129 -16.25 12.02 -10.99
C PRO B 129 -15.17 11.14 -10.33
N ASP B 130 -15.34 10.88 -9.04
CA ASP B 130 -14.50 9.96 -8.28
C ASP B 130 -14.38 8.59 -8.96
N ALA B 131 -15.40 8.22 -9.73
CA ALA B 131 -15.45 6.86 -10.30
C ALA B 131 -14.64 6.74 -11.58
N MET B 132 -13.50 6.06 -11.49
CA MET B 132 -12.66 5.82 -12.69
C MET B 132 -13.10 4.55 -13.42
N ILE B 133 -13.40 4.70 -14.70
CA ILE B 133 -13.70 3.56 -15.57
C ILE B 133 -12.69 3.54 -16.70
N LEU B 134 -11.92 2.45 -16.76
CA LEU B 134 -10.93 2.18 -17.80
C LEU B 134 -11.60 1.54 -19.00
N TYR B 135 -11.15 1.90 -20.23
CA TYR B 135 -11.66 1.28 -21.45
C TYR B 135 -10.55 0.88 -22.41
N SER B 136 -10.74 -0.22 -23.14
CA SER B 136 -9.81 -0.64 -24.19
C SER B 136 -10.55 -1.29 -25.36
N GLY B 137 -9.88 -1.32 -26.51
CA GLY B 137 -10.44 -1.75 -27.79
C GLY B 137 -10.28 -0.65 -28.85
N PRO B 138 -10.86 -0.83 -30.05
CA PRO B 138 -10.64 0.09 -31.18
C PRO B 138 -11.08 1.50 -30.84
N ALA B 139 -10.17 2.47 -31.05
CA ALA B 139 -10.37 3.86 -30.68
C ALA B 139 -11.65 4.47 -31.26
N GLU B 140 -12.02 4.11 -32.50
CA GLU B 140 -13.17 4.72 -33.17
C GLU B 140 -14.47 4.27 -32.51
N VAL B 141 -14.48 3.02 -32.04
CA VAL B 141 -15.64 2.47 -31.37
C VAL B 141 -15.85 3.21 -30.06
N PHE B 142 -14.78 3.42 -29.28
CA PHE B 142 -14.87 4.17 -28.04
C PHE B 142 -15.37 5.60 -28.29
N GLU B 143 -14.81 6.28 -29.29
CA GLU B 143 -15.15 7.67 -29.62
C GLU B 143 -16.64 7.81 -29.91
N GLY B 144 -17.19 6.82 -30.60
CA GLY B 144 -18.60 6.84 -30.97
C GLY B 144 -19.58 6.79 -29.78
N VAL B 145 -19.16 6.33 -28.59
CA VAL B 145 -20.10 6.20 -27.48
C VAL B 145 -19.61 6.84 -26.17
N LYS B 146 -18.42 7.49 -26.17
CA LYS B 146 -17.85 7.90 -24.89
C LYS B 146 -18.71 8.95 -24.22
N ASP B 147 -19.39 9.82 -24.98
CA ASP B 147 -20.17 10.87 -24.35
C ASP B 147 -21.31 10.27 -23.53
N THR B 148 -22.02 9.29 -24.08
CA THR B 148 -23.02 8.58 -23.30
C THR B 148 -22.40 7.87 -22.09
N LEU B 149 -21.26 7.20 -22.28
CA LEU B 149 -20.66 6.42 -21.20
C LEU B 149 -20.20 7.34 -20.05
N SER B 150 -19.91 8.61 -20.34
CA SER B 150 -19.42 9.57 -19.35
C SER B 150 -20.44 9.87 -18.23
N VAL B 151 -21.70 9.44 -18.43
CA VAL B 151 -22.71 9.43 -17.37
C VAL B 151 -22.29 8.59 -16.15
N LEU B 152 -21.51 7.51 -16.33
CA LEU B 152 -21.22 6.56 -15.26
C LEU B 152 -20.02 7.01 -14.40
N GLY B 153 -19.15 7.87 -14.93
CA GLY B 153 -17.91 8.24 -14.25
C GLY B 153 -16.91 8.90 -15.20
N THR B 154 -15.61 8.96 -14.80
CA THR B 154 -14.60 9.55 -15.66
C THR B 154 -13.97 8.44 -16.50
N ASN B 155 -14.17 8.56 -17.81
CA ASN B 155 -13.63 7.65 -18.80
C ASN B 155 -12.10 7.79 -18.86
N THR B 156 -11.40 6.66 -18.95
CA THR B 156 -9.95 6.64 -19.14
C THR B 156 -9.62 5.53 -20.15
N TYR B 157 -9.46 5.91 -21.42
CA TYR B 157 -9.08 4.99 -22.48
C TYR B 157 -7.61 4.59 -22.30
N VAL B 158 -7.30 3.30 -22.37
CA VAL B 158 -5.94 2.87 -22.08
C VAL B 158 -5.30 2.16 -23.26
N GLY B 159 -5.95 2.14 -24.43
CA GLY B 159 -5.32 1.68 -25.67
C GLY B 159 -6.14 0.68 -26.47
N GLU B 160 -5.56 0.24 -27.59
CA GLU B 160 -6.18 -0.54 -28.65
C GLU B 160 -6.36 -2.03 -28.30
N ASP B 161 -5.32 -2.69 -27.74
CA ASP B 161 -5.44 -4.10 -27.37
C ASP B 161 -6.59 -4.21 -26.37
N VAL B 162 -7.62 -4.96 -26.77
CA VAL B 162 -8.89 -5.01 -26.06
C VAL B 162 -8.73 -5.64 -24.66
N GLY B 163 -7.60 -6.32 -24.38
CA GLY B 163 -7.33 -6.86 -23.06
C GLY B 163 -6.71 -5.89 -22.04
N LEU B 164 -6.37 -4.65 -22.44
CA LEU B 164 -5.60 -3.75 -21.56
C LEU B 164 -6.43 -3.25 -20.39
N ALA B 165 -7.74 -2.97 -20.58
CA ALA B 165 -8.51 -2.43 -19.47
C ALA B 165 -8.49 -3.44 -18.30
N SER B 166 -8.61 -4.73 -18.63
CA SER B 166 -8.58 -5.79 -17.62
C SER B 166 -7.20 -5.88 -16.93
N LEU B 167 -6.12 -5.76 -17.70
CA LEU B 167 -4.78 -5.78 -17.12
C LEU B 167 -4.63 -4.63 -16.13
N HIS B 168 -5.07 -3.43 -16.50
CA HIS B 168 -4.98 -2.28 -15.60
C HIS B 168 -5.81 -2.52 -14.34
N ASP B 169 -7.03 -3.05 -14.51
CA ASP B 169 -7.92 -3.33 -13.38
C ASP B 169 -7.21 -4.30 -12.42
N LEU B 170 -6.72 -5.43 -12.93
CA LEU B 170 -6.11 -6.46 -12.09
C LEU B 170 -4.82 -5.98 -11.40
N ALA B 171 -4.08 -5.08 -12.06
CA ALA B 171 -2.87 -4.49 -11.48
C ALA B 171 -3.20 -3.57 -10.29
N LEU B 172 -4.24 -2.73 -10.44
CA LEU B 172 -4.74 -1.88 -9.36
C LEU B 172 -5.25 -2.72 -8.17
N LEU B 173 -5.93 -3.84 -8.45
CA LEU B 173 -6.41 -4.70 -7.37
C LEU B 173 -5.23 -5.35 -6.63
N SER B 174 -4.16 -5.72 -7.34
CA SER B 174 -2.95 -6.27 -6.71
C SER B 174 -2.35 -5.26 -5.73
N GLY B 175 -2.30 -3.99 -6.15
CA GLY B 175 -1.87 -2.90 -5.29
C GLY B 175 -2.65 -2.84 -3.97
N MET B 176 -3.99 -2.91 -4.09
CA MET B 176 -4.90 -2.91 -2.95
C MET B 176 -4.66 -4.12 -2.04
N TYR B 177 -4.40 -5.32 -2.60
CA TYR B 177 -4.20 -6.52 -1.79
C TYR B 177 -2.90 -6.42 -0.95
N GLY B 178 -1.89 -5.75 -1.50
CA GLY B 178 -0.68 -5.44 -0.75
C GLY B 178 -0.94 -4.52 0.45
N LEU B 179 -1.63 -3.39 0.21
CA LEU B 179 -2.04 -2.45 1.24
C LEU B 179 -2.78 -3.19 2.35
N PHE B 180 -3.73 -4.09 1.97
CA PHE B 180 -4.51 -4.79 2.98
C PHE B 180 -3.63 -5.78 3.76
N SER B 181 -2.62 -6.37 3.10
CA SER B 181 -1.66 -7.26 3.75
C SER B 181 -0.90 -6.51 4.85
N GLY B 182 -0.43 -5.30 4.51
CA GLY B 182 0.25 -4.44 5.47
C GLY B 182 -0.64 -4.02 6.65
N PHE B 183 -1.89 -3.63 6.38
CA PHE B 183 -2.80 -3.24 7.46
C PHE B 183 -2.94 -4.41 8.42
N THR B 184 -3.10 -5.62 7.87
CA THR B 184 -3.40 -6.79 8.67
C THR B 184 -2.23 -7.08 9.60
N HIS B 185 -1.00 -7.09 9.07
CA HIS B 185 0.17 -7.36 9.90
C HIS B 185 0.37 -6.28 10.98
N ALA B 186 0.23 -5.01 10.62
CA ALA B 186 0.51 -3.91 11.54
C ALA B 186 -0.48 -3.92 12.69
N VAL B 187 -1.76 -4.12 12.36
CA VAL B 187 -2.77 -4.08 13.39
C VAL B 187 -2.65 -5.30 14.33
N ALA B 188 -2.30 -6.46 13.76
CA ALA B 188 -2.08 -7.64 14.60
C ALA B 188 -0.96 -7.38 15.62
N LEU B 189 0.13 -6.74 15.21
CA LEU B 189 1.26 -6.52 16.10
C LEU B 189 0.88 -5.63 17.29
N VAL B 190 0.18 -4.53 17.02
CA VAL B 190 -0.19 -3.64 18.12
C VAL B 190 -1.26 -4.32 19.00
N GLN B 191 -2.18 -5.09 18.40
CA GLN B 191 -3.24 -5.77 19.15
C GLN B 191 -2.64 -6.83 20.08
N SER B 192 -1.50 -7.43 19.71
CA SER B 192 -0.85 -8.40 20.56
C SER B 192 -0.28 -7.79 21.85
N ALA B 193 -0.18 -6.45 21.93
CA ALA B 193 0.22 -5.78 23.16
C ALA B 193 -0.93 -4.93 23.70
N ASN B 194 -2.17 -5.28 23.32
CA ASN B 194 -3.40 -4.69 23.83
C ASN B 194 -3.50 -3.20 23.56
N ILE B 195 -3.02 -2.78 22.40
CA ILE B 195 -3.18 -1.42 21.91
C ILE B 195 -4.40 -1.37 20.99
N PRO B 196 -5.39 -0.50 21.27
CA PRO B 196 -6.56 -0.39 20.41
C PRO B 196 -6.16 -0.09 18.97
N ALA B 197 -6.91 -0.65 18.03
CA ALA B 197 -6.64 -0.50 16.61
C ALA B 197 -7.03 0.90 16.11
N ALA B 198 -8.18 1.42 16.57
CA ALA B 198 -8.75 2.64 15.98
C ALA B 198 -7.77 3.83 16.03
N GLY B 199 -7.25 4.17 17.21
CA GLY B 199 -6.37 5.33 17.36
C GLY B 199 -5.04 5.18 16.62
N PHE B 200 -4.44 3.99 16.71
CA PHE B 200 -3.21 3.66 16.00
C PHE B 200 -3.41 3.85 14.51
N VAL B 201 -4.52 3.37 13.96
CA VAL B 201 -4.74 3.47 12.52
C VAL B 201 -5.00 4.92 12.10
N ALA B 202 -5.86 5.63 12.85
CA ALA B 202 -6.20 7.02 12.51
C ALA B 202 -5.00 7.98 12.65
N THR B 203 -4.18 7.82 13.70
CA THR B 203 -3.18 8.85 14.02
C THR B 203 -1.76 8.46 13.60
N GLN B 204 -1.49 7.17 13.30
CA GLN B 204 -0.13 6.73 12.98
C GLN B 204 -0.06 6.01 11.64
N LEU B 205 -0.85 4.95 11.42
CA LEU B 205 -0.74 4.17 10.19
C LEU B 205 -1.18 4.94 8.93
N ILE B 206 -2.35 5.59 8.96
CA ILE B 206 -2.78 6.33 7.77
C ILE B 206 -1.81 7.46 7.42
N PRO B 207 -1.39 8.35 8.33
CA PRO B 207 -0.41 9.39 7.97
C PRO B 207 0.90 8.83 7.37
N TRP B 208 1.43 7.74 7.94
CA TRP B 208 2.64 7.08 7.43
C TRP B 208 2.39 6.51 6.04
N LEU B 209 1.26 5.83 5.83
CA LEU B 209 1.00 5.26 4.50
C LEU B 209 0.80 6.39 3.50
N THR B 210 0.25 7.54 3.92
CA THR B 210 0.05 8.66 3.02
C THR B 210 1.41 9.18 2.52
N ALA B 211 2.38 9.30 3.44
CA ALA B 211 3.72 9.76 3.08
C ALA B 211 4.38 8.78 2.12
N MET B 212 4.34 7.48 2.42
CA MET B 212 5.00 6.53 1.56
C MET B 212 4.24 6.32 0.25
N THR B 213 2.94 6.64 0.17
CA THR B 213 2.20 6.50 -1.09
C THR B 213 2.72 7.54 -2.11
N GLN B 214 3.06 8.74 -1.62
CA GLN B 214 3.66 9.78 -2.46
C GLN B 214 5.06 9.37 -2.93
N HIS B 215 5.82 8.70 -2.08
CA HIS B 215 7.16 8.24 -2.42
C HIS B 215 7.13 7.26 -3.61
N LEU B 216 5.97 6.65 -3.94
CA LEU B 216 5.89 5.67 -5.03
C LEU B 216 6.18 6.30 -6.40
N ASN B 217 5.96 7.62 -6.56
CA ASN B 217 6.30 8.27 -7.82
C ASN B 217 7.82 8.24 -8.06
N LEU B 218 8.66 8.51 -7.04
CA LEU B 218 10.12 8.37 -7.16
C LEU B 218 10.49 6.97 -7.63
N LEU B 219 9.93 5.93 -6.96
CA LEU B 219 10.27 4.55 -7.30
C LEU B 219 9.88 4.24 -8.75
N ALA B 220 8.75 4.79 -9.22
CA ALA B 220 8.28 4.52 -10.58
C ALA B 220 9.23 5.12 -11.62
N THR B 221 9.72 6.33 -11.35
CA THR B 221 10.73 6.94 -12.22
C THR B 221 11.97 6.05 -12.33
N GLN B 222 12.44 5.54 -11.18
CA GLN B 222 13.61 4.67 -11.15
C GLN B 222 13.35 3.38 -11.93
N VAL B 223 12.10 2.87 -11.91
CA VAL B 223 11.78 1.66 -12.67
C VAL B 223 11.94 1.94 -14.17
N ASP B 224 11.39 3.06 -14.66
CA ASP B 224 11.44 3.42 -16.08
C ASP B 224 12.90 3.62 -16.53
N GLU B 225 13.71 4.34 -15.75
CA GLU B 225 15.11 4.63 -16.08
C GLU B 225 16.03 3.43 -15.83
N LYS B 226 15.52 2.33 -15.29
CA LYS B 226 16.34 1.18 -14.95
C LYS B 226 17.56 1.63 -14.15
N ASP B 227 17.33 2.50 -13.16
CA ASP B 227 18.38 3.07 -12.35
C ASP B 227 17.93 3.09 -10.89
N TYR B 228 18.45 2.15 -10.12
CA TYR B 228 17.84 1.78 -8.86
C TYR B 228 18.59 2.41 -7.69
N GLY B 229 18.66 3.75 -7.65
CA GLY B 229 19.32 4.46 -6.57
C GLY B 229 18.59 4.27 -5.23
N ASP B 230 19.34 4.48 -4.14
CA ASP B 230 18.95 4.09 -2.79
C ASP B 230 17.91 5.06 -2.25
N GLY B 231 17.93 6.34 -2.68
CA GLY B 231 16.94 7.32 -2.24
C GLY B 231 17.10 7.68 -0.77
N GLY B 232 18.31 7.34 -0.23
CA GLY B 232 18.61 7.43 1.19
C GLY B 232 18.23 6.19 2.01
N SER B 233 17.82 5.08 1.37
CA SER B 233 17.32 3.90 2.05
C SER B 233 17.76 2.63 1.29
N SER B 234 19.01 2.21 1.54
CA SER B 234 19.62 1.12 0.77
C SER B 234 19.02 -0.21 1.17
N LEU B 235 19.07 -1.19 0.24
CA LEU B 235 18.60 -2.54 0.54
C LEU B 235 19.50 -3.15 1.62
N ASP B 236 20.78 -2.78 1.69
CA ASP B 236 21.67 -3.34 2.71
C ASP B 236 21.15 -3.02 4.12
N MET B 237 20.72 -1.78 4.29
CA MET B 237 20.20 -1.31 5.56
C MET B 237 18.84 -1.98 5.85
N GLN B 238 18.00 -2.11 4.82
CA GLN B 238 16.68 -2.72 4.96
C GLN B 238 16.79 -4.20 5.35
N ALA B 239 17.84 -4.85 4.85
CA ALA B 239 18.06 -6.26 5.12
C ALA B 239 18.49 -6.49 6.57
N LYS B 240 18.82 -5.41 7.30
CA LYS B 240 19.09 -5.48 8.74
C LYS B 240 17.84 -5.14 9.55
N ALA B 241 16.91 -4.33 9.02
CA ALA B 241 15.68 -4.05 9.75
C ALA B 241 14.67 -5.20 9.62
N ALA B 242 14.64 -5.89 8.46
CA ALA B 242 13.63 -6.93 8.23
C ALA B 242 13.73 -8.10 9.22
N PRO B 243 14.92 -8.65 9.54
CA PRO B 243 15.00 -9.67 10.57
C PRO B 243 14.43 -9.23 11.92
N ASN B 244 14.56 -7.94 12.24
CA ASN B 244 14.01 -7.42 13.48
C ASN B 244 12.49 -7.44 13.45
N ILE B 245 11.87 -7.10 12.31
CA ILE B 245 10.42 -7.20 12.18
C ILE B 245 9.96 -8.65 12.35
N LEU B 246 10.65 -9.60 11.70
CA LEU B 246 10.37 -11.03 11.90
C LEU B 246 10.50 -11.44 13.38
N GLU B 247 11.62 -11.12 14.04
CA GLU B 247 11.89 -11.57 15.40
C GLU B 247 10.84 -11.03 16.38
N ALA B 248 10.46 -9.75 16.26
CA ALA B 248 9.48 -9.16 17.16
C ALA B 248 8.10 -9.79 16.93
N SER B 249 7.75 -10.01 15.66
CA SER B 249 6.54 -10.74 15.31
C SER B 249 6.46 -12.10 16.05
N GLN B 250 7.53 -12.88 15.96
CA GLN B 250 7.59 -14.20 16.61
C GLN B 250 7.48 -14.07 18.13
N ALA B 251 8.17 -13.11 18.75
CA ALA B 251 8.04 -12.97 20.18
C ALA B 251 6.60 -12.59 20.58
N GLN B 252 5.85 -11.93 19.69
CA GLN B 252 4.49 -11.51 19.99
C GLN B 252 3.46 -12.60 19.59
N GLY B 253 3.91 -13.73 19.04
CA GLY B 253 3.00 -14.76 18.55
C GLY B 253 2.22 -14.41 17.29
N VAL B 254 2.78 -13.55 16.42
CA VAL B 254 2.11 -13.15 15.19
C VAL B 254 2.78 -13.84 14.01
N SER B 255 2.00 -14.55 13.19
CA SER B 255 2.53 -15.22 12.00
C SER B 255 3.09 -14.20 11.01
N VAL B 256 4.16 -14.57 10.31
CA VAL B 256 4.85 -13.66 9.40
C VAL B 256 4.48 -13.95 7.93
N GLU B 257 3.40 -14.70 7.70
CA GLU B 257 3.11 -15.24 6.37
C GLU B 257 2.85 -14.14 5.34
N LEU B 258 2.33 -12.98 5.75
CA LEU B 258 1.94 -11.94 4.81
C LEU B 258 3.12 -11.04 4.42
N ILE B 259 4.25 -11.04 5.14
CA ILE B 259 5.33 -10.08 4.88
C ILE B 259 6.66 -10.77 4.54
N GLN B 260 6.82 -12.04 4.87
CA GLN B 260 8.08 -12.74 4.61
C GLN B 260 8.45 -12.72 3.12
N PRO B 261 7.53 -12.80 2.12
CA PRO B 261 7.98 -12.82 0.72
C PRO B 261 8.87 -11.66 0.31
N ILE B 262 8.49 -10.42 0.64
CA ILE B 262 9.26 -9.29 0.16
C ILE B 262 10.62 -9.23 0.88
N PHE B 263 10.65 -9.66 2.15
CA PHE B 263 11.93 -9.81 2.86
C PHE B 263 12.85 -10.83 2.19
N LYS B 264 12.31 -11.94 1.66
CA LYS B 264 13.18 -12.85 0.91
C LYS B 264 13.69 -12.24 -0.40
N LEU B 265 12.86 -11.42 -1.06
CA LEU B 265 13.33 -10.72 -2.26
C LEU B 265 14.48 -9.77 -1.93
N ILE B 266 14.34 -8.99 -0.85
CA ILE B 266 15.34 -7.99 -0.47
C ILE B 266 16.67 -8.70 -0.20
N GLU B 267 16.57 -9.83 0.53
CA GLU B 267 17.75 -10.62 0.86
C GLU B 267 18.39 -11.21 -0.41
N ARG B 268 17.59 -11.65 -1.40
CA ARG B 268 18.17 -12.17 -2.63
C ARG B 268 18.95 -11.10 -3.38
N ARG B 269 18.48 -9.84 -3.35
CA ARG B 269 19.12 -8.80 -4.11
C ARG B 269 20.48 -8.48 -3.47
N VAL B 270 20.53 -8.49 -2.12
CA VAL B 270 21.80 -8.29 -1.42
C VAL B 270 22.78 -9.40 -1.80
N GLU B 271 22.29 -10.63 -1.97
CA GLU B 271 23.14 -11.78 -2.27
C GLU B 271 23.62 -11.76 -3.72
N GLU B 272 22.94 -11.03 -4.61
CA GLU B 272 23.36 -10.81 -5.99
C GLU B 272 24.49 -9.77 -6.06
N GLY B 273 24.82 -9.12 -4.93
CA GLY B 273 25.84 -8.08 -4.90
C GLY B 273 25.29 -6.66 -5.08
N LYS B 274 23.96 -6.46 -4.97
CA LYS B 274 23.38 -5.16 -5.28
C LYS B 274 22.68 -4.52 -4.08
N GLY B 275 23.25 -4.75 -2.88
CA GLY B 275 22.72 -4.17 -1.66
C GLY B 275 22.76 -2.65 -1.62
N SER B 276 23.53 -2.01 -2.50
CA SER B 276 23.60 -0.55 -2.50
C SER B 276 22.47 0.10 -3.32
N GLU B 277 21.70 -0.69 -4.08
CA GLU B 277 20.49 -0.22 -4.74
C GLU B 277 19.35 0.03 -3.74
N GLY B 278 18.22 0.55 -4.27
CA GLY B 278 16.98 0.74 -3.53
C GLY B 278 15.82 -0.12 -4.07
N LEU B 279 14.60 0.16 -3.58
CA LEU B 279 13.48 -0.76 -3.67
C LEU B 279 12.95 -0.91 -5.10
N ALA B 280 13.30 0.02 -6.02
CA ALA B 280 12.77 -0.07 -7.38
C ALA B 280 13.32 -1.29 -8.14
N ALA B 281 14.45 -1.83 -7.67
CA ALA B 281 15.02 -3.05 -8.22
C ALA B 281 14.11 -4.29 -8.10
N LEU B 282 13.13 -4.30 -7.16
CA LEU B 282 12.35 -5.53 -6.93
C LEU B 282 11.43 -5.87 -8.11
N VAL B 283 10.96 -4.87 -8.88
CA VAL B 283 9.99 -5.13 -9.96
C VAL B 283 10.54 -6.13 -10.98
N GLY B 284 11.77 -5.87 -11.43
CA GLY B 284 12.40 -6.72 -12.43
C GLY B 284 12.65 -8.13 -11.90
N MET B 285 12.79 -8.28 -10.59
CA MET B 285 13.10 -9.56 -10.02
C MET B 285 11.90 -10.49 -10.12
N ILE B 286 10.65 -9.99 -10.13
CA ILE B 286 9.51 -10.91 -10.22
C ILE B 286 9.05 -11.09 -11.67
N MET B 287 9.68 -10.39 -12.64
CA MET B 287 9.26 -10.45 -14.04
C MET B 287 9.92 -11.62 -14.77
N LYS B 288 10.99 -12.17 -14.19
#